data_6K01
#
_entry.id   6K01
#
_cell.length_a   46.923
_cell.length_b   46.923
_cell.length_c   67.129
_cell.angle_alpha   90.000
_cell.angle_beta   90.000
_cell.angle_gamma   120.000
#
_symmetry.space_group_name_H-M   'P 31'
#
loop_
_entity.id
_entity.type
_entity.pdbx_description
1 polymer 'Histone H2A'
2 polymer 'Histone H2B 1.1'
#
loop_
_entity_poly.entity_id
_entity_poly.type
_entity_poly.pdbx_seq_one_letter_code
_entity_poly.pdbx_strand_id
1 'polypeptide(L)'
;AKTRSSRAGLQFPVGRVHRLLRKGNYAERVGAGAPVYLAAVLEYLTAEILELAGNAARDNKKTRIIPRHLQLAVRNDEEL
NKLLGRVTIAQG
;
C
2 'polypeptide(L)'
;KKRRKTRKESYAIYVYKVLKQVHPDTGISSKAMSIMNSFVNDVFERIAGEASRLAHYNKRSTITSREIQTAVRLLLPGEL
AKHAVSEGTKAVTKYTSAK
;
D
#
# COMPACT_ATOMS: atom_id res chain seq x y z
N GLY A 9 4.11 15.42 0.93
CA GLY A 9 5.21 14.77 0.25
C GLY A 9 5.12 13.26 0.26
N LEU A 10 4.37 12.71 -0.68
CA LEU A 10 4.17 11.27 -0.80
C LEU A 10 5.04 10.72 -1.93
N GLN A 11 5.57 9.52 -1.72
CA GLN A 11 6.29 8.84 -2.78
C GLN A 11 5.34 8.19 -3.77
N PHE A 12 4.13 7.87 -3.33
CA PHE A 12 3.08 7.40 -4.23
C PHE A 12 2.30 8.60 -4.75
N PRO A 13 2.13 8.72 -6.07
CA PRO A 13 1.50 9.92 -6.62
C PRO A 13 -0.02 9.90 -6.41
N VAL A 14 -0.54 10.98 -5.82
CA VAL A 14 -1.98 11.12 -5.64
C VAL A 14 -2.68 11.17 -6.99
N GLY A 15 -2.00 11.70 -8.01
CA GLY A 15 -2.57 11.81 -9.34
C GLY A 15 -2.95 10.47 -9.95
N ARG A 16 -1.99 9.56 -10.07
CA ARG A 16 -2.26 8.28 -10.73
C ARG A 16 -3.21 7.42 -9.93
N VAL A 17 -3.08 7.42 -8.60
CA VAL A 17 -4.02 6.68 -7.76
C VAL A 17 -5.44 7.20 -7.96
N HIS A 18 -5.59 8.50 -8.18
CA HIS A 18 -6.89 9.05 -8.53
C HIS A 18 -7.36 8.54 -9.88
N ARG A 19 -6.47 8.52 -10.88
CA ARG A 19 -6.83 8.00 -12.19
C ARG A 19 -7.10 6.50 -12.14
N LEU A 20 -6.32 5.76 -11.33
CA LEU A 20 -6.57 4.34 -11.18
C LEU A 20 -7.90 4.07 -10.51
N LEU A 21 -8.37 5.01 -9.67
CA LEU A 21 -9.69 4.88 -9.06
C LEU A 21 -10.81 5.23 -10.02
N ARG A 22 -10.57 6.20 -10.92
CA ARG A 22 -11.61 6.60 -11.86
C ARG A 22 -11.80 5.55 -12.95
N LYS A 23 -10.71 5.06 -13.53
CA LYS A 23 -10.82 4.03 -14.56
C LYS A 23 -11.19 2.67 -13.97
N GLY A 24 -11.05 2.49 -12.66
CA GLY A 24 -11.42 1.24 -12.03
C GLY A 24 -12.90 0.97 -11.98
N ASN A 25 -13.72 1.97 -12.29
CA ASN A 25 -15.18 1.84 -12.29
C ASN A 25 -15.70 1.39 -10.92
N TYR A 26 -15.14 1.98 -9.87
CA TYR A 26 -15.57 1.63 -8.51
C TYR A 26 -16.83 2.40 -8.11
N ALA A 27 -16.92 3.68 -8.48
CA ALA A 27 -18.08 4.48 -8.17
C ALA A 27 -18.26 5.53 -9.26
N GLU A 28 -19.20 6.46 -9.05
CA GLU A 28 -19.44 7.51 -10.03
C GLU A 28 -18.29 8.51 -10.06
N ARG A 29 -18.02 9.14 -8.92
CA ARG A 29 -16.92 10.10 -8.78
C ARG A 29 -16.07 9.71 -7.58
N VAL A 30 -14.87 10.29 -7.52
CA VAL A 30 -13.90 9.99 -6.48
C VAL A 30 -13.61 11.28 -5.71
N GLY A 31 -13.72 11.20 -4.38
CA GLY A 31 -13.39 12.34 -3.55
C GLY A 31 -11.92 12.72 -3.66
N ALA A 32 -11.64 13.99 -3.38
CA ALA A 32 -10.29 14.51 -3.53
C ALA A 32 -9.32 13.85 -2.54
N GLY A 33 -9.78 13.59 -1.32
CA GLY A 33 -8.93 12.97 -0.33
C GLY A 33 -8.78 11.46 -0.45
N ALA A 34 -9.59 10.82 -1.29
CA ALA A 34 -9.51 9.37 -1.43
C ALA A 34 -8.17 8.91 -2.02
N PRO A 35 -7.67 9.45 -3.12
CA PRO A 35 -6.35 9.02 -3.59
C PRO A 35 -5.23 9.39 -2.64
N VAL A 36 -5.39 10.49 -1.89
CA VAL A 36 -4.40 10.84 -0.88
C VAL A 36 -4.37 9.79 0.22
N TYR A 37 -5.55 9.42 0.73
CA TYR A 37 -5.63 8.41 1.77
C TYR A 37 -5.10 7.06 1.28
N LEU A 38 -5.44 6.69 0.05
CA LEU A 38 -5.01 5.39 -0.46
C LEU A 38 -3.53 5.37 -0.75
N ALA A 39 -2.97 6.48 -1.23
CA ALA A 39 -1.54 6.53 -1.54
C ALA A 39 -0.70 6.41 -0.27
N ALA A 40 -1.16 7.02 0.83
CA ALA A 40 -0.44 6.89 2.10
C ALA A 40 -0.55 5.48 2.64
N VAL A 41 -1.74 4.87 2.54
CA VAL A 41 -1.91 3.49 2.96
C VAL A 41 -1.03 2.57 2.13
N LEU A 42 -0.99 2.80 0.81
CA LEU A 42 -0.12 1.98 -0.04
C LEU A 42 1.34 2.20 0.28
N GLU A 43 1.73 3.44 0.62
CA GLU A 43 3.12 3.72 0.95
C GLU A 43 3.50 3.16 2.31
N TYR A 44 2.57 3.16 3.26
CA TYR A 44 2.88 2.64 4.59
C TYR A 44 3.11 1.14 4.55
N LEU A 45 2.29 0.41 3.80
CA LEU A 45 2.41 -1.04 3.77
C LEU A 45 3.71 -1.49 3.12
N THR A 46 4.14 -0.79 2.07
CA THR A 46 5.41 -1.14 1.43
C THR A 46 6.59 -0.79 2.32
N ALA A 47 6.54 0.37 2.98
CA ALA A 47 7.59 0.71 3.94
C ALA A 47 7.68 -0.31 5.05
N GLU A 48 6.52 -0.85 5.47
CA GLU A 48 6.52 -1.90 6.49
C GLU A 48 7.18 -3.17 5.96
N ILE A 49 6.87 -3.55 4.72
CA ILE A 49 7.48 -4.74 4.15
C ILE A 49 8.96 -4.52 3.88
N LEU A 50 9.31 -3.41 3.23
CA LEU A 50 10.68 -3.18 2.82
C LEU A 50 11.61 -3.05 4.02
N GLU A 51 11.09 -2.60 5.17
CA GLU A 51 11.94 -2.49 6.35
C GLU A 51 12.28 -3.87 6.90
N LEU A 52 11.27 -4.70 7.14
CA LEU A 52 11.53 -6.06 7.62
C LEU A 52 12.30 -6.87 6.59
N ALA A 53 11.99 -6.67 5.31
CA ALA A 53 12.75 -7.34 4.25
C ALA A 53 14.16 -6.78 4.17
N GLY A 54 14.31 -5.46 4.29
CA GLY A 54 15.65 -4.88 4.32
C GLY A 54 16.43 -5.26 5.55
N ASN A 55 15.75 -5.44 6.68
CA ASN A 55 16.41 -5.93 7.88
C ASN A 55 16.96 -7.34 7.65
N ALA A 56 16.09 -8.27 7.22
CA ALA A 56 16.53 -9.63 6.96
C ALA A 56 17.65 -9.68 5.92
N ALA A 57 17.72 -8.68 5.05
CA ALA A 57 18.80 -8.63 4.07
C ALA A 57 20.15 -8.44 4.75
N ARG A 58 20.31 -7.32 5.47
CA ARG A 58 21.58 -7.05 6.14
C ARG A 58 21.76 -7.85 7.42
N ASP A 59 20.70 -8.48 7.93
CA ASP A 59 20.88 -9.52 8.94
C ASP A 59 21.52 -10.77 8.34
N ASN A 60 21.63 -10.84 7.01
CA ASN A 60 22.41 -11.86 6.32
C ASN A 60 23.61 -11.25 5.61
N LYS A 61 23.96 -10.02 5.94
CA LYS A 61 25.01 -9.23 5.30
C LYS A 61 24.72 -8.94 3.83
N LYS A 62 23.51 -9.22 3.37
CA LYS A 62 23.14 -8.97 1.99
C LYS A 62 22.90 -7.48 1.78
N THR A 63 23.54 -6.92 0.75
CA THR A 63 23.34 -5.53 0.38
C THR A 63 22.24 -5.35 -0.66
N ARG A 64 21.33 -6.33 -0.77
CA ARG A 64 20.27 -6.27 -1.77
C ARG A 64 19.12 -7.15 -1.31
N ILE A 65 17.91 -6.60 -1.33
CA ILE A 65 16.72 -7.37 -0.97
C ILE A 65 16.38 -8.32 -2.10
N ILE A 66 16.31 -9.61 -1.79
CA ILE A 66 15.99 -10.64 -2.78
C ILE A 66 14.64 -11.24 -2.39
N PRO A 67 13.98 -12.04 -3.26
CA PRO A 67 12.65 -12.56 -2.93
C PRO A 67 12.56 -13.31 -1.60
N ARG A 68 13.69 -13.84 -1.12
CA ARG A 68 13.67 -14.57 0.14
C ARG A 68 13.37 -13.64 1.30
N HIS A 69 14.02 -12.47 1.34
CA HIS A 69 13.78 -11.52 2.43
C HIS A 69 12.37 -10.96 2.39
N LEU A 70 11.75 -10.91 1.20
CA LEU A 70 10.33 -10.57 1.14
C LEU A 70 9.47 -11.69 1.68
N GLN A 71 9.81 -12.93 1.33
CA GLN A 71 9.04 -14.07 1.81
C GLN A 71 9.16 -14.25 3.32
N LEU A 72 10.37 -14.10 3.86
CA LEU A 72 10.58 -14.28 5.29
C LEU A 72 9.91 -13.15 6.09
N ALA A 73 10.06 -11.91 5.62
CA ALA A 73 9.58 -10.76 6.39
C ALA A 73 8.06 -10.74 6.52
N VAL A 74 7.34 -11.15 5.46
CA VAL A 74 5.89 -11.12 5.50
C VAL A 74 5.35 -12.33 6.23
N ARG A 75 6.05 -13.45 6.12
CA ARG A 75 5.52 -14.74 6.56
C ARG A 75 5.50 -14.84 8.07
N ASN A 76 6.63 -14.52 8.71
CA ASN A 76 6.72 -14.60 10.16
C ASN A 76 6.34 -13.30 10.85
N ASP A 77 5.90 -12.29 10.11
CA ASP A 77 5.12 -11.18 10.66
C ASP A 77 3.67 -11.50 10.36
N GLU A 78 2.99 -12.14 11.32
CA GLU A 78 1.68 -12.72 11.05
C GLU A 78 0.62 -11.67 10.72
N GLU A 79 0.85 -10.40 11.06
CA GLU A 79 -0.02 -9.35 10.55
C GLU A 79 0.12 -9.23 9.03
N LEU A 80 1.37 -9.13 8.56
CA LEU A 80 1.60 -9.14 7.12
C LEU A 80 1.30 -10.50 6.51
N ASN A 81 1.45 -11.57 7.28
CA ASN A 81 1.14 -12.91 6.76
C ASN A 81 -0.36 -13.09 6.57
N LYS A 82 -1.16 -12.63 7.52
CA LYS A 82 -2.61 -12.69 7.36
C LYS A 82 -3.10 -11.78 6.24
N LEU A 83 -2.32 -10.78 5.86
CA LEU A 83 -2.69 -9.86 4.79
C LEU A 83 -2.24 -10.35 3.42
N LEU A 84 -1.01 -10.85 3.31
CA LEU A 84 -0.42 -11.24 2.05
C LEU A 84 -0.01 -12.72 2.07
N GLY A 85 -0.83 -13.56 2.67
CA GLY A 85 -0.54 -14.98 2.73
C GLY A 85 -0.77 -15.70 1.41
N ARG B 7 1.91 -7.25 -12.67
CA ARG B 7 0.52 -7.70 -12.54
C ARG B 7 -0.38 -6.95 -13.51
N LYS B 8 -0.93 -5.83 -13.04
CA LYS B 8 -1.72 -4.94 -13.88
C LYS B 8 -1.09 -3.56 -13.98
N GLU B 9 -0.78 -2.93 -12.85
CA GLU B 9 -0.12 -1.63 -12.82
C GLU B 9 1.23 -1.76 -12.13
N SER B 10 2.20 -1.00 -12.62
CA SER B 10 3.56 -1.01 -12.09
C SER B 10 3.71 0.13 -11.08
N TYR B 11 4.18 -0.21 -9.89
CA TYR B 11 4.52 0.77 -8.86
C TYR B 11 6.02 0.78 -8.56
N ALA B 12 6.84 0.29 -9.50
CA ALA B 12 8.24 0.01 -9.21
C ALA B 12 8.99 1.26 -8.74
N ILE B 13 8.80 2.37 -9.44
CA ILE B 13 9.51 3.59 -9.07
C ILE B 13 9.09 4.07 -7.69
N TYR B 14 7.78 3.97 -7.39
CA TYR B 14 7.32 4.38 -6.07
C TYR B 14 7.84 3.45 -4.98
N VAL B 15 7.98 2.16 -5.28
CA VAL B 15 8.61 1.26 -4.33
C VAL B 15 10.10 1.56 -4.22
N TYR B 16 10.73 1.97 -5.33
CA TYR B 16 12.11 2.43 -5.26
C TYR B 16 12.24 3.67 -4.38
N LYS B 17 11.27 4.60 -4.50
CA LYS B 17 11.24 5.81 -3.66
C LYS B 17 11.34 5.45 -2.19
N VAL B 18 10.39 4.64 -1.71
CA VAL B 18 10.28 4.37 -0.28
C VAL B 18 11.46 3.54 0.22
N LEU B 19 12.00 2.67 -0.63
CA LEU B 19 13.14 1.84 -0.21
C LEU B 19 14.33 2.71 0.17
N LYS B 20 14.57 3.79 -0.58
CA LYS B 20 15.65 4.70 -0.22
C LYS B 20 15.35 5.50 1.03
N GLN B 21 14.07 5.68 1.37
CA GLN B 21 13.71 6.29 2.64
C GLN B 21 13.96 5.32 3.80
N VAL B 22 13.64 4.04 3.58
CA VAL B 22 13.78 3.05 4.66
C VAL B 22 15.21 2.52 4.73
N HIS B 23 15.77 2.16 3.58
CA HIS B 23 17.13 1.63 3.51
C HIS B 23 17.82 2.24 2.30
N PRO B 24 18.45 3.41 2.49
CA PRO B 24 19.04 4.11 1.33
C PRO B 24 20.17 3.35 0.67
N ASP B 25 20.85 2.47 1.41
CA ASP B 25 22.03 1.76 0.92
C ASP B 25 21.75 0.28 0.67
N THR B 26 20.49 -0.14 0.74
CA THR B 26 20.08 -1.51 0.48
C THR B 26 19.19 -1.51 -0.76
N GLY B 27 19.63 -2.23 -1.80
CA GLY B 27 18.87 -2.34 -3.03
C GLY B 27 17.85 -3.47 -2.96
N ILE B 28 17.08 -3.58 -4.04
CA ILE B 28 16.10 -4.64 -4.20
C ILE B 28 16.32 -5.30 -5.56
N SER B 29 16.18 -6.62 -5.60
CA SER B 29 16.30 -7.33 -6.87
C SER B 29 15.12 -7.00 -7.78
N SER B 30 15.28 -7.30 -9.06
CA SER B 30 14.17 -7.15 -9.99
C SER B 30 13.12 -8.23 -9.77
N LYS B 31 13.54 -9.44 -9.38
CA LYS B 31 12.59 -10.49 -9.07
C LYS B 31 11.79 -10.19 -7.81
N ALA B 32 12.41 -9.54 -6.82
CA ALA B 32 11.69 -9.14 -5.62
C ALA B 32 10.83 -7.91 -5.87
N MET B 33 11.28 -6.98 -6.73
CA MET B 33 10.47 -5.82 -7.07
C MET B 33 9.16 -6.25 -7.71
N SER B 34 9.19 -7.32 -8.52
CA SER B 34 7.96 -7.86 -9.07
C SER B 34 7.04 -8.37 -7.97
N ILE B 35 7.61 -8.97 -6.92
CA ILE B 35 6.81 -9.43 -5.79
C ILE B 35 6.28 -8.23 -5.01
N MET B 36 7.09 -7.19 -4.86
CA MET B 36 6.61 -5.96 -4.22
C MET B 36 5.48 -5.33 -5.03
N ASN B 37 5.59 -5.35 -6.36
CA ASN B 37 4.55 -4.77 -7.20
C ASN B 37 3.25 -5.54 -7.11
N SER B 38 3.33 -6.85 -6.81
CA SER B 38 2.14 -7.69 -6.69
C SER B 38 1.42 -7.45 -5.37
N PHE B 39 2.16 -7.18 -4.30
CA PHE B 39 1.54 -6.83 -3.03
C PHE B 39 0.73 -5.55 -3.15
N VAL B 40 1.29 -4.54 -3.80
CA VAL B 40 0.60 -3.26 -3.93
C VAL B 40 -0.63 -3.41 -4.81
N ASN B 41 -0.50 -4.11 -5.93
CA ASN B 41 -1.64 -4.29 -6.83
C ASN B 41 -2.77 -5.07 -6.15
N ASP B 42 -2.41 -6.05 -5.32
CA ASP B 42 -3.43 -6.83 -4.62
C ASP B 42 -4.13 -5.99 -3.57
N VAL B 43 -3.36 -5.24 -2.76
CA VAL B 43 -3.96 -4.43 -1.70
C VAL B 43 -4.77 -3.28 -2.29
N PHE B 44 -4.28 -2.69 -3.39
CA PHE B 44 -5.00 -1.58 -4.02
C PHE B 44 -6.41 -2.00 -4.41
N GLU B 45 -6.55 -3.15 -5.07
CA GLU B 45 -7.87 -3.59 -5.54
C GLU B 45 -8.74 -4.07 -4.39
N ARG B 46 -8.13 -4.53 -3.29
CA ARG B 46 -8.93 -4.91 -2.12
C ARG B 46 -9.45 -3.67 -1.39
N ILE B 47 -8.60 -2.68 -1.17
CA ILE B 47 -9.05 -1.45 -0.51
C ILE B 47 -10.05 -0.71 -1.37
N ALA B 48 -9.74 -0.54 -2.66
CA ALA B 48 -10.67 0.14 -3.55
C ALA B 48 -11.91 -0.69 -3.82
N GLY B 49 -11.80 -2.02 -3.81
CA GLY B 49 -12.96 -2.85 -4.04
C GLY B 49 -13.95 -2.82 -2.88
N GLU B 50 -13.45 -2.89 -1.65
CA GLU B 50 -14.33 -2.84 -0.50
C GLU B 50 -14.89 -1.44 -0.30
N ALA B 51 -14.08 -0.41 -0.60
CA ALA B 51 -14.58 0.96 -0.50
C ALA B 51 -15.73 1.21 -1.48
N SER B 52 -15.69 0.56 -2.64
CA SER B 52 -16.78 0.67 -3.60
C SER B 52 -18.00 -0.09 -3.13
N ARG B 53 -17.81 -1.28 -2.54
CA ARG B 53 -18.91 -1.99 -1.93
C ARG B 53 -19.54 -1.16 -0.82
N LEU B 54 -18.72 -0.53 0.02
CA LEU B 54 -19.24 0.33 1.07
C LEU B 54 -19.99 1.51 0.49
N ALA B 55 -19.48 2.11 -0.60
CA ALA B 55 -20.15 3.24 -1.21
C ALA B 55 -21.44 2.81 -1.91
N HIS B 56 -21.36 1.80 -2.78
CA HIS B 56 -22.54 1.30 -3.46
C HIS B 56 -23.64 0.91 -2.47
N TYR B 57 -23.25 0.43 -1.29
CA TYR B 57 -24.25 -0.05 -0.34
C TYR B 57 -25.07 1.11 0.24
N ASN B 58 -24.39 2.12 0.79
CA ASN B 58 -25.06 3.26 1.39
C ASN B 58 -25.65 4.22 0.34
N LYS B 59 -25.88 3.73 -0.88
CA LYS B 59 -26.42 4.54 -1.98
C LYS B 59 -25.58 5.80 -2.19
N ARG B 60 -24.26 5.59 -2.24
CA ARG B 60 -23.31 6.68 -2.36
C ARG B 60 -22.73 6.70 -3.77
N SER B 61 -22.54 7.91 -4.30
CA SER B 61 -21.94 8.11 -5.62
C SER B 61 -20.52 8.66 -5.53
N THR B 62 -19.88 8.57 -4.36
CA THR B 62 -18.57 9.15 -4.14
C THR B 62 -17.77 8.25 -3.22
N ILE B 63 -16.60 7.80 -3.69
CA ILE B 63 -15.64 7.12 -2.83
C ILE B 63 -14.78 8.20 -2.19
N THR B 64 -15.01 8.45 -0.90
CA THR B 64 -14.31 9.48 -0.16
C THR B 64 -13.17 8.85 0.64
N SER B 65 -12.60 9.63 1.57
CA SER B 65 -11.53 9.11 2.41
C SER B 65 -12.07 8.32 3.60
N ARG B 66 -13.31 8.55 4.01
CA ARG B 66 -13.90 7.76 5.07
C ARG B 66 -14.26 6.36 4.60
N GLU B 67 -14.68 6.21 3.34
CA GLU B 67 -14.95 4.88 2.80
C GLU B 67 -13.66 4.11 2.59
N ILE B 68 -12.60 4.78 2.17
CA ILE B 68 -11.29 4.14 2.10
C ILE B 68 -10.79 3.79 3.49
N GLN B 69 -11.01 4.68 4.46
CA GLN B 69 -10.58 4.43 5.83
C GLN B 69 -11.29 3.23 6.43
N THR B 70 -12.58 3.07 6.13
CA THR B 70 -13.32 1.92 6.64
C THR B 70 -12.80 0.62 6.03
N ALA B 71 -12.62 0.59 4.72
CA ALA B 71 -12.12 -0.62 4.06
C ALA B 71 -10.74 -0.99 4.57
N VAL B 72 -9.91 0.01 4.88
CA VAL B 72 -8.60 -0.26 5.47
C VAL B 72 -8.76 -0.90 6.84
N ARG B 73 -9.73 -0.45 7.61
CA ARG B 73 -9.96 -1.02 8.94
C ARG B 73 -10.47 -2.45 8.85
N LEU B 74 -11.29 -2.75 7.84
CA LEU B 74 -11.90 -4.06 7.74
C LEU B 74 -10.95 -5.11 7.15
N LEU B 75 -10.01 -4.69 6.33
CA LEU B 75 -9.17 -5.63 5.58
C LEU B 75 -7.76 -5.78 6.12
N LEU B 76 -7.19 -4.74 6.74
CA LEU B 76 -5.85 -4.89 7.28
C LEU B 76 -5.92 -5.33 8.73
N PRO B 77 -5.21 -6.38 9.13
CA PRO B 77 -5.34 -6.91 10.48
C PRO B 77 -4.38 -6.28 11.49
N GLY B 78 -4.85 -6.20 12.73
CA GLY B 78 -4.04 -5.74 13.83
C GLY B 78 -3.67 -4.28 13.73
N GLU B 79 -2.46 -3.96 14.18
CA GLU B 79 -1.96 -2.59 14.12
C GLU B 79 -1.52 -2.18 12.73
N LEU B 80 -1.59 -3.09 11.75
CA LEU B 80 -1.44 -2.69 10.35
C LEU B 80 -2.46 -1.63 9.99
N ALA B 81 -3.73 -1.88 10.35
CA ALA B 81 -4.78 -0.90 10.11
C ALA B 81 -4.65 0.31 11.02
N LYS B 82 -4.15 0.11 12.25
CA LYS B 82 -4.01 1.23 13.18
C LYS B 82 -3.06 2.28 12.62
N HIS B 83 -1.87 1.85 12.20
CA HIS B 83 -0.88 2.80 11.67
C HIS B 83 -1.22 3.26 10.26
N ALA B 84 -1.91 2.42 9.48
CA ALA B 84 -2.31 2.83 8.13
C ALA B 84 -3.35 3.94 8.18
N VAL B 85 -4.34 3.81 9.08
CA VAL B 85 -5.33 4.87 9.25
C VAL B 85 -4.66 6.14 9.75
N SER B 86 -3.65 6.01 10.61
CA SER B 86 -2.88 7.17 11.02
C SER B 86 -2.13 7.79 9.85
N GLU B 87 -1.59 6.95 8.96
CA GLU B 87 -0.92 7.46 7.77
C GLU B 87 -1.92 8.13 6.83
N GLY B 88 -3.14 7.61 6.75
CA GLY B 88 -4.12 8.18 5.84
C GLY B 88 -4.68 9.49 6.33
N THR B 89 -5.09 9.55 7.60
CA THR B 89 -5.67 10.77 8.15
C THR B 89 -4.65 11.89 8.21
N LYS B 90 -3.39 11.56 8.51
CA LYS B 90 -2.33 12.56 8.45
C LYS B 90 -2.09 13.03 7.02
N ALA B 91 -2.30 12.15 6.04
CA ALA B 91 -1.99 12.49 4.65
C ALA B 91 -2.99 13.50 4.09
N VAL B 92 -4.29 13.24 4.27
CA VAL B 92 -5.30 14.16 3.78
C VAL B 92 -5.37 15.43 4.62
N THR B 93 -4.74 15.45 5.79
CA THR B 93 -4.69 16.65 6.61
C THR B 93 -3.83 17.74 6.01
N LYS B 94 -3.25 17.53 4.83
CA LYS B 94 -2.53 18.57 4.10
C LYS B 94 -3.28 18.82 2.80
N TYR B 95 -4.07 19.89 2.77
CA TYR B 95 -4.82 20.32 1.59
C TYR B 95 -5.67 19.19 1.00
#